data_2YQC
#
_entry.id   2YQC
#
_cell.length_a   47.774
_cell.length_b   62.891
_cell.length_c   90.602
_cell.angle_alpha   90.00
_cell.angle_beta   97.82
_cell.angle_gamma   90.00
#
_symmetry.space_group_name_H-M   'P 1 21 1'
#
loop_
_entity.id
_entity.type
_entity.pdbx_description
1 polymer 'UDP-N-acetylglucosamine pyrophosphorylase'
2 non-polymer 'MAGNESIUM ION'
3 non-polymer GLYCEROL
4 water water
#
_entity_poly.entity_id   1
_entity_poly.type   'polypeptide(L)'
_entity_poly.pdbx_seq_one_letter_code
;MTVKSQQQIIDSFKQANQDQLFQYYDSLTIDQQQEFIDQLSTIEEPAKLISTVEQAIQFSQTNSTSRNFTQLPNEQTAST
LDLSKDILQNWTELGLKAIGNGEVAVLLMAGGQGTRLGSSAPKGCFNIELPSQKSLFQIQAEKILKIEQLAQQYLKSTKK
PIINWYIMTSGPTRNATESFFIENNYFGLNSHQVIFFNQGTLPCFNLQGNKILLELKNSICQSPDGNGGLYKALKDNGIL
DDLNSKGIKHIHMYCVDNCLVKVADPIFIGFAIAKKFDLATKVVRKRDANESVGLIVLDQDNQKPCVIEYSEISQELANK
KDPQDSSKLFLRAANIVNHYYSVEFLNKMIPKWISSQKYLPFHIAKKKIPSLNLENGEFYKPTEPNGIKLEQFIFDVFPS
VELNKFGCLEVDRLDEFSPLKNADGAKNDTPTTCRNHYLERSSKWVIQNGGVIDNQGLVEVDSKTSYGGEGLEFVNGKHF
KNGDII
;
_entity_poly.pdbx_strand_id   A
#
# COMPACT_ATOMS: atom_id res chain seq x y z
N VAL A 3 -4.19 -32.82 -4.43
CA VAL A 3 -5.33 -32.48 -5.34
C VAL A 3 -6.52 -33.39 -5.06
N LYS A 4 -7.71 -32.81 -4.92
CA LYS A 4 -8.90 -33.60 -4.65
C LYS A 4 -9.73 -33.82 -5.90
N SER A 5 -10.46 -34.94 -5.93
CA SER A 5 -11.30 -35.28 -7.06
C SER A 5 -12.57 -34.44 -7.06
N GLN A 6 -13.34 -34.52 -8.15
CA GLN A 6 -14.59 -33.80 -8.29
C GLN A 6 -15.51 -34.09 -7.09
N GLN A 7 -15.69 -35.36 -6.76
CA GLN A 7 -16.58 -35.72 -5.67
C GLN A 7 -16.08 -35.24 -4.30
N GLN A 8 -14.78 -35.32 -4.05
CA GLN A 8 -14.26 -34.87 -2.75
C GLN A 8 -14.44 -33.37 -2.58
N ILE A 9 -14.32 -32.62 -3.68
CA ILE A 9 -14.50 -31.17 -3.63
C ILE A 9 -15.96 -30.86 -3.33
N ILE A 10 -16.86 -31.46 -4.10
CA ILE A 10 -18.29 -31.26 -3.89
C ILE A 10 -18.69 -31.60 -2.45
N ASP A 11 -18.26 -32.76 -1.97
CA ASP A 11 -18.60 -33.17 -0.61
C ASP A 11 -18.08 -32.20 0.46
N SER A 12 -16.90 -31.64 0.25
CA SER A 12 -16.37 -30.72 1.26
C SER A 12 -17.19 -29.43 1.34
N PHE A 13 -17.71 -28.94 0.21
CA PHE A 13 -18.52 -27.73 0.27
C PHE A 13 -19.92 -28.02 0.79
N LYS A 14 -20.48 -29.17 0.43
CA LYS A 14 -21.79 -29.53 0.96
C LYS A 14 -21.73 -29.70 2.48
N GLN A 15 -20.69 -30.37 2.98
CA GLN A 15 -20.53 -30.56 4.41
C GLN A 15 -20.38 -29.21 5.11
N ALA A 16 -19.89 -28.21 4.39
CA ALA A 16 -19.73 -26.86 4.94
C ALA A 16 -21.01 -26.04 4.71
N ASN A 17 -22.13 -26.71 4.48
N ASN A 17 -22.08 -26.77 4.40
CA ASN A 17 -23.44 -26.05 4.26
CA ASN A 17 -23.40 -26.23 4.18
C ASN A 17 -23.53 -25.13 3.04
C ASN A 17 -23.52 -25.19 3.06
N GLN A 18 -22.78 -25.43 1.97
CA GLN A 18 -22.80 -24.57 0.78
C GLN A 18 -23.52 -25.28 -0.37
N ASP A 19 -24.61 -25.96 -0.04
CA ASP A 19 -25.34 -26.70 -1.06
C ASP A 19 -25.86 -25.83 -2.19
N GLN A 20 -26.06 -24.54 -1.93
CA GLN A 20 -26.55 -23.64 -2.96
C GLN A 20 -25.56 -23.48 -4.12
N LEU A 21 -24.30 -23.83 -3.89
CA LEU A 21 -23.32 -23.70 -4.95
C LEU A 21 -23.52 -24.74 -6.05
N PHE A 22 -24.28 -25.80 -5.76
CA PHE A 22 -24.51 -26.85 -6.76
C PHE A 22 -25.93 -26.90 -7.25
N GLN A 23 -26.66 -25.82 -7.01
CA GLN A 23 -28.05 -25.78 -7.43
C GLN A 23 -28.22 -26.01 -8.93
N TYR A 24 -27.31 -25.47 -9.73
CA TYR A 24 -27.46 -25.65 -11.17
C TYR A 24 -26.39 -26.57 -11.76
N TYR A 25 -25.60 -27.19 -10.89
CA TYR A 25 -24.49 -28.05 -11.33
C TYR A 25 -24.86 -29.10 -12.38
N ASP A 26 -25.93 -29.86 -12.15
CA ASP A 26 -26.32 -30.90 -13.09
C ASP A 26 -26.76 -30.40 -14.45
N SER A 27 -27.14 -29.14 -14.55
CA SER A 27 -27.58 -28.58 -15.83
C SER A 27 -26.43 -28.06 -16.70
N LEU A 28 -25.23 -28.03 -16.13
CA LEU A 28 -24.05 -27.52 -16.82
C LEU A 28 -23.43 -28.59 -17.72
N THR A 29 -22.59 -28.16 -18.66
CA THR A 29 -21.88 -29.12 -19.52
C THR A 29 -20.75 -29.67 -18.65
N ILE A 30 -20.16 -30.80 -19.05
CA ILE A 30 -19.04 -31.35 -18.28
C ILE A 30 -17.87 -30.34 -18.19
N ASP A 31 -17.58 -29.64 -19.28
CA ASP A 31 -16.48 -28.70 -19.21
C ASP A 31 -16.79 -27.57 -18.20
N GLN A 32 -18.06 -27.10 -18.16
CA GLN A 32 -18.44 -26.06 -17.20
C GLN A 32 -18.26 -26.57 -15.77
N GLN A 33 -18.63 -27.83 -15.56
CA GLN A 33 -18.50 -28.46 -14.25
C GLN A 33 -17.03 -28.53 -13.85
N GLN A 34 -16.19 -29.00 -14.76
CA GLN A 34 -14.76 -29.13 -14.45
C GLN A 34 -14.11 -27.79 -14.11
N GLU A 35 -14.47 -26.74 -14.84
CA GLU A 35 -13.92 -25.41 -14.57
C GLU A 35 -14.35 -24.96 -13.15
N PHE A 36 -15.59 -25.27 -12.78
CA PHE A 36 -16.13 -24.89 -11.47
C PHE A 36 -15.42 -25.59 -10.34
N ILE A 37 -15.22 -26.91 -10.49
CA ILE A 37 -14.50 -27.69 -9.47
C ILE A 37 -13.08 -27.12 -9.35
N ASP A 38 -12.45 -26.78 -10.48
CA ASP A 38 -11.10 -26.21 -10.41
C ASP A 38 -11.10 -24.93 -9.57
N GLN A 39 -12.09 -24.07 -9.81
CA GLN A 39 -12.17 -22.81 -9.06
C GLN A 39 -12.38 -23.09 -7.56
N LEU A 40 -13.30 -24.01 -7.24
CA LEU A 40 -13.55 -24.33 -5.84
C LEU A 40 -12.32 -24.95 -5.16
N SER A 41 -11.48 -25.64 -5.93
N SER A 41 -11.48 -25.65 -5.92
CA SER A 41 -10.29 -26.27 -5.38
CA SER A 41 -10.32 -26.28 -5.33
C SER A 41 -9.28 -25.24 -4.89
C SER A 41 -9.29 -25.24 -4.86
N THR A 42 -9.40 -24.01 -5.34
CA THR A 42 -8.44 -22.97 -4.94
C THR A 42 -8.74 -22.33 -3.60
N ILE A 43 -9.88 -22.68 -3.01
CA ILE A 43 -10.26 -22.10 -1.74
C ILE A 43 -9.64 -22.94 -0.62
N GLU A 44 -8.72 -22.35 0.13
CA GLU A 44 -8.05 -23.04 1.23
C GLU A 44 -8.99 -23.22 2.42
N GLU A 45 -9.05 -24.44 2.94
CA GLU A 45 -9.91 -24.79 4.07
C GLU A 45 -11.22 -24.00 4.10
N PRO A 46 -12.15 -24.31 3.18
CA PRO A 46 -13.44 -23.63 3.12
C PRO A 46 -14.31 -23.67 4.38
N ALA A 47 -14.38 -24.81 5.04
CA ALA A 47 -15.21 -24.90 6.26
C ALA A 47 -14.73 -23.87 7.31
N LYS A 48 -13.42 -23.78 7.49
CA LYS A 48 -12.83 -22.83 8.45
C LYS A 48 -13.14 -21.38 8.06
N LEU A 49 -13.02 -21.10 6.75
CA LEU A 49 -13.27 -19.78 6.22
C LEU A 49 -14.71 -19.30 6.47
N ILE A 50 -15.67 -20.17 6.22
CA ILE A 50 -17.05 -19.80 6.41
C ILE A 50 -17.41 -19.44 7.86
N SER A 51 -16.93 -20.25 8.80
CA SER A 51 -17.20 -20.01 10.23
C SER A 51 -16.62 -18.66 10.65
N THR A 52 -15.38 -18.39 10.23
CA THR A 52 -14.72 -17.13 10.55
C THR A 52 -15.50 -15.91 10.06
N VAL A 53 -15.95 -15.96 8.81
CA VAL A 53 -16.71 -14.87 8.21
C VAL A 53 -18.03 -14.59 8.93
N GLU A 54 -18.90 -15.60 9.07
CA GLU A 54 -20.18 -15.37 9.75
C GLU A 54 -19.98 -14.77 11.14
N GLN A 55 -18.98 -15.29 11.88
CA GLN A 55 -18.68 -14.76 13.20
C GLN A 55 -18.18 -13.31 13.09
N ALA A 56 -17.28 -13.06 12.15
CA ALA A 56 -16.75 -11.72 11.96
C ALA A 56 -17.86 -10.71 11.70
N ILE A 57 -18.88 -11.10 10.94
CA ILE A 57 -20.00 -10.21 10.63
C ILE A 57 -20.85 -9.90 11.86
N GLN A 58 -20.98 -10.87 12.76
CA GLN A 58 -21.75 -10.64 13.98
C GLN A 58 -21.06 -9.60 14.85
N PHE A 59 -19.74 -9.74 15.00
CA PHE A 59 -18.94 -8.83 15.81
C PHE A 59 -18.96 -7.40 15.27
N SER A 60 -18.94 -7.27 13.95
CA SER A 60 -18.94 -5.94 13.33
C SER A 60 -20.18 -5.12 13.61
N GLN A 61 -21.21 -5.74 14.16
CA GLN A 61 -22.45 -5.02 14.50
C GLN A 61 -22.75 -5.12 15.99
N SER A 66 -14.97 0.57 23.85
CA SER A 66 -14.32 1.13 25.03
C SER A 66 -12.82 0.83 25.06
N ARG A 67 -12.05 1.58 24.27
CA ARG A 67 -10.62 1.39 24.17
C ARG A 67 -9.83 2.54 24.78
N ASN A 68 -8.59 2.25 25.20
CA ASN A 68 -7.73 3.28 25.76
C ASN A 68 -6.57 3.49 24.79
N PHE A 69 -6.53 4.66 24.16
CA PHE A 69 -5.49 5.01 23.20
C PHE A 69 -4.77 6.26 23.65
N THR A 70 -3.46 6.32 23.38
CA THR A 70 -2.66 7.47 23.75
C THR A 70 -1.55 7.63 22.71
N GLN A 71 -0.70 8.65 22.87
CA GLN A 71 0.40 8.90 21.95
C GLN A 71 1.48 7.86 22.14
N LEU A 72 2.17 7.50 21.07
CA LEU A 72 3.24 6.53 21.20
C LEU A 72 4.29 7.16 22.11
N PRO A 73 5.09 6.33 22.80
CA PRO A 73 6.11 6.87 23.70
C PRO A 73 7.15 7.62 22.86
N ASN A 74 7.65 8.71 23.41
CA ASN A 74 8.63 9.54 22.72
C ASN A 74 9.85 8.78 22.21
N GLU A 75 10.30 7.76 22.90
CA GLU A 75 11.45 7.02 22.42
C GLU A 75 11.20 6.32 21.08
N GLN A 76 9.95 6.10 20.72
CA GLN A 76 9.67 5.40 19.47
C GLN A 76 9.38 6.32 18.27
N THR A 77 9.35 7.63 18.52
CA THR A 77 9.05 8.62 17.48
C THR A 77 10.17 9.58 17.13
N ALA A 78 10.06 10.18 15.96
CA ALA A 78 11.01 11.17 15.47
C ALA A 78 10.28 11.97 14.39
N SER A 79 10.82 13.13 14.02
CA SER A 79 10.20 13.95 12.98
C SER A 79 11.25 14.64 12.12
N THR A 80 11.10 14.55 10.81
CA THR A 80 12.02 15.20 9.89
C THR A 80 11.81 16.72 9.96
N LEU A 81 10.73 17.17 10.60
CA LEU A 81 10.48 18.61 10.75
C LEU A 81 11.25 19.15 11.96
N ASP A 82 11.69 18.25 12.84
CA ASP A 82 12.43 18.66 14.04
C ASP A 82 13.91 18.32 14.11
N LEU A 83 14.31 17.22 13.49
CA LEU A 83 15.70 16.76 13.53
C LEU A 83 16.70 17.70 12.87
N SER A 84 17.91 17.76 13.42
CA SER A 84 18.95 18.62 12.87
C SER A 84 19.43 18.09 11.52
N LYS A 85 19.93 19.00 10.69
CA LYS A 85 20.44 18.61 9.38
C LYS A 85 21.54 17.54 9.49
N ASP A 86 22.35 17.61 10.54
CA ASP A 86 23.44 16.62 10.71
C ASP A 86 22.94 15.23 11.02
N ILE A 87 21.91 15.12 11.86
CA ILE A 87 21.36 13.81 12.16
C ILE A 87 20.63 13.28 10.90
N LEU A 88 19.91 14.13 10.20
CA LEU A 88 19.24 13.66 8.98
C LEU A 88 20.29 13.16 7.96
N GLN A 89 21.43 13.83 7.88
CA GLN A 89 22.48 13.41 6.98
C GLN A 89 23.10 12.08 7.41
N ASN A 90 23.22 11.86 8.72
CA ASN A 90 23.80 10.62 9.23
C ASN A 90 22.87 9.44 8.86
N TRP A 91 21.56 9.63 9.03
CA TRP A 91 20.61 8.56 8.69
C TRP A 91 20.63 8.35 7.16
N THR A 92 20.70 9.44 6.40
CA THR A 92 20.77 9.32 4.94
C THR A 92 21.98 8.46 4.56
N GLU A 93 23.11 8.68 5.23
CA GLU A 93 24.33 7.93 4.93
C GLU A 93 24.20 6.46 5.30
N LEU A 94 23.52 6.16 6.40
CA LEU A 94 23.31 4.75 6.79
C LEU A 94 22.46 4.09 5.72
N GLY A 95 21.45 4.82 5.24
CA GLY A 95 20.57 4.32 4.20
C GLY A 95 21.24 4.14 2.83
N LEU A 96 22.10 5.08 2.43
CA LEU A 96 22.78 4.96 1.15
C LEU A 96 23.78 3.81 1.20
N LYS A 97 24.35 3.59 2.38
CA LYS A 97 25.30 2.50 2.58
C LYS A 97 24.60 1.15 2.43
N ALA A 98 23.41 1.03 3.00
CA ALA A 98 22.65 -0.24 2.88
C ALA A 98 22.27 -0.44 1.41
N ILE A 99 21.77 0.61 0.76
CA ILE A 99 21.41 0.50 -0.65
C ILE A 99 22.65 0.12 -1.46
N GLY A 100 23.76 0.80 -1.19
CA GLY A 100 25.01 0.52 -1.88
C GLY A 100 25.54 -0.89 -1.71
N ASN A 101 25.17 -1.57 -0.63
CA ASN A 101 25.65 -2.93 -0.40
C ASN A 101 24.61 -3.97 -0.84
N GLY A 102 23.60 -3.50 -1.58
CA GLY A 102 22.56 -4.38 -2.08
C GLY A 102 21.66 -4.98 -1.02
N GLU A 103 21.47 -4.25 0.07
CA GLU A 103 20.67 -4.77 1.19
C GLU A 103 19.26 -4.24 1.26
N VAL A 104 18.84 -3.48 0.25
CA VAL A 104 17.53 -2.85 0.27
C VAL A 104 16.65 -3.21 -0.92
N ALA A 105 15.39 -3.54 -0.64
CA ALA A 105 14.43 -3.81 -1.72
C ALA A 105 13.13 -3.08 -1.40
N VAL A 106 12.29 -2.91 -2.42
CA VAL A 106 11.03 -2.19 -2.31
C VAL A 106 9.85 -3.10 -2.66
N LEU A 107 8.81 -3.10 -1.82
CA LEU A 107 7.60 -3.85 -2.09
C LEU A 107 6.55 -2.79 -2.44
N LEU A 108 6.00 -2.88 -3.64
CA LEU A 108 4.98 -1.94 -4.10
C LEU A 108 3.58 -2.57 -4.14
N MET A 109 2.61 -1.94 -3.49
CA MET A 109 1.24 -2.44 -3.58
C MET A 109 0.65 -1.64 -4.76
N ALA A 110 0.51 -2.29 -5.90
CA ALA A 110 0.04 -1.59 -7.09
C ALA A 110 -1.47 -1.65 -7.30
N GLY A 111 -2.11 -2.57 -6.60
CA GLY A 111 -3.55 -2.72 -6.68
C GLY A 111 -4.07 -3.14 -8.04
N GLY A 112 -5.26 -2.66 -8.38
CA GLY A 112 -5.86 -3.02 -9.66
C GLY A 112 -6.03 -1.85 -10.62
N GLN A 113 -7.13 -1.87 -11.36
CA GLN A 113 -7.43 -0.82 -12.35
C GLN A 113 -7.70 0.53 -11.70
N GLY A 114 -7.58 1.58 -12.50
CA GLY A 114 -7.85 2.91 -11.98
C GLY A 114 -9.30 3.26 -12.24
N THR A 115 -10.17 2.26 -12.10
CA THR A 115 -11.61 2.39 -12.33
C THR A 115 -12.23 3.67 -11.76
N ARG A 116 -12.01 3.91 -10.48
CA ARG A 116 -12.55 5.08 -9.80
C ARG A 116 -12.07 6.39 -10.42
N LEU A 117 -10.87 6.35 -10.99
CA LEU A 117 -10.29 7.53 -11.64
C LEU A 117 -10.83 7.70 -13.04
N GLY A 118 -11.57 6.70 -13.51
CA GLY A 118 -12.13 6.73 -14.85
C GLY A 118 -11.22 6.07 -15.85
N SER A 119 -10.36 5.16 -15.38
CA SER A 119 -9.42 4.47 -16.27
C SER A 119 -9.55 2.96 -16.15
N SER A 120 -9.39 2.27 -17.26
CA SER A 120 -9.50 0.82 -17.26
C SER A 120 -8.11 0.18 -17.17
N ALA A 121 -7.09 1.03 -17.08
CA ALA A 121 -5.74 0.53 -17.00
C ALA A 121 -5.31 0.42 -15.54
N PRO A 122 -4.17 -0.25 -15.29
CA PRO A 122 -3.67 -0.39 -13.91
C PRO A 122 -3.47 1.04 -13.38
N LYS A 123 -3.72 1.25 -12.09
CA LYS A 123 -3.58 2.58 -11.49
C LYS A 123 -2.19 3.21 -11.70
N GLY A 124 -1.15 2.39 -11.65
CA GLY A 124 0.20 2.90 -11.83
C GLY A 124 0.45 3.53 -13.20
N CYS A 125 -0.38 3.22 -14.18
CA CYS A 125 -0.27 3.78 -15.53
C CYS A 125 -0.85 5.20 -15.64
N PHE A 126 -1.61 5.64 -14.64
CA PHE A 126 -2.26 6.94 -14.71
C PHE A 126 -1.32 8.14 -14.89
N ASN A 127 -1.71 9.00 -15.82
CA ASN A 127 -0.97 10.23 -16.15
C ASN A 127 -1.70 11.45 -15.53
N ILE A 128 -1.13 12.04 -14.48
CA ILE A 128 -1.77 13.20 -13.82
C ILE A 128 -1.50 14.52 -14.57
N GLU A 129 -0.89 14.39 -15.75
CA GLU A 129 -0.61 15.51 -16.62
C GLU A 129 0.37 16.59 -16.17
N LEU A 130 1.52 16.12 -15.63
CA LEU A 130 2.62 17.01 -15.33
C LEU A 130 3.15 17.39 -16.70
N PRO A 131 4.00 18.43 -16.77
CA PRO A 131 4.56 18.85 -18.06
C PRO A 131 5.21 17.64 -18.77
N SER A 132 5.82 16.74 -18.00
CA SER A 132 6.50 15.57 -18.58
C SER A 132 5.56 14.46 -19.01
N GLN A 133 4.32 14.51 -18.56
CA GLN A 133 3.32 13.48 -18.88
C GLN A 133 3.71 12.06 -18.43
N LYS A 134 4.54 11.97 -17.39
CA LYS A 134 4.97 10.67 -16.87
C LYS A 134 3.94 10.02 -15.94
N SER A 135 3.75 8.71 -16.13
CA SER A 135 2.82 7.93 -15.29
C SER A 135 3.40 7.80 -13.88
N LEU A 136 2.57 7.33 -12.93
CA LEU A 136 3.04 7.11 -11.57
C LEU A 136 4.17 6.07 -11.62
N PHE A 137 4.01 4.99 -12.41
CA PHE A 137 5.05 3.97 -12.47
C PHE A 137 6.37 4.59 -12.92
N GLN A 138 6.32 5.44 -13.94
CA GLN A 138 7.57 6.04 -14.43
C GLN A 138 8.21 6.99 -13.40
N ILE A 139 7.38 7.75 -12.70
CA ILE A 139 7.91 8.67 -11.70
C ILE A 139 8.65 7.88 -10.62
N GLN A 140 8.05 6.79 -10.16
CA GLN A 140 8.66 5.95 -9.12
C GLN A 140 9.91 5.22 -9.62
N ALA A 141 9.89 4.79 -10.88
CA ALA A 141 11.03 4.12 -11.49
C ALA A 141 12.23 5.10 -11.55
N GLU A 142 11.95 6.37 -11.85
CA GLU A 142 13.04 7.35 -11.93
C GLU A 142 13.56 7.70 -10.55
N LYS A 143 12.72 7.56 -9.54
CA LYS A 143 13.12 7.82 -8.15
C LYS A 143 14.14 6.78 -7.74
N ILE A 144 13.87 5.53 -8.13
CA ILE A 144 14.76 4.41 -7.84
C ILE A 144 16.11 4.60 -8.54
N LEU A 145 16.07 4.89 -9.84
CA LEU A 145 17.32 5.12 -10.57
C LEU A 145 18.16 6.23 -9.92
N LYS A 146 17.53 7.32 -9.50
CA LYS A 146 18.26 8.43 -8.89
C LYS A 146 18.87 8.07 -7.54
N ILE A 147 18.10 7.39 -6.69
CA ILE A 147 18.66 7.05 -5.37
C ILE A 147 19.79 6.01 -5.52
N GLU A 148 19.71 5.17 -6.55
CA GLU A 148 20.81 4.21 -6.78
C GLU A 148 22.05 5.04 -7.17
N GLN A 149 21.83 6.12 -7.92
CA GLN A 149 22.92 7.02 -8.33
C GLN A 149 23.55 7.74 -7.14
N LEU A 150 22.70 8.22 -6.23
CA LEU A 150 23.21 8.93 -5.06
C LEU A 150 24.00 7.97 -4.17
N ALA A 151 23.54 6.72 -4.06
CA ALA A 151 24.27 5.71 -3.27
C ALA A 151 25.62 5.41 -3.93
N GLN A 152 25.62 5.25 -5.26
CA GLN A 152 26.87 4.97 -5.98
C GLN A 152 27.89 6.11 -5.74
N GLN A 153 27.41 7.35 -5.80
CA GLN A 153 28.30 8.50 -5.59
C GLN A 153 28.85 8.57 -4.16
N TYR A 154 27.98 8.30 -3.18
CA TYR A 154 28.40 8.30 -1.79
C TYR A 154 29.49 7.24 -1.51
N LEU A 155 29.33 6.04 -2.07
CA LEU A 155 30.30 4.95 -1.85
C LEU A 155 31.43 4.96 -2.88
N LYS A 156 31.28 5.77 -3.91
CA LYS A 156 32.25 5.87 -5.01
C LYS A 156 32.43 4.53 -5.70
N SER A 157 31.33 3.82 -5.95
CA SER A 157 31.39 2.51 -6.59
C SER A 157 31.47 2.65 -8.12
N THR A 158 32.10 1.68 -8.77
CA THR A 158 32.24 1.68 -10.23
C THR A 158 30.90 1.56 -10.94
N LYS A 159 30.03 0.67 -10.47
CA LYS A 159 28.69 0.49 -11.08
C LYS A 159 27.63 0.86 -10.03
N LYS A 160 26.44 1.24 -10.48
CA LYS A 160 25.41 1.59 -9.52
C LYS A 160 24.81 0.36 -8.86
N PRO A 161 24.38 0.51 -7.61
CA PRO A 161 23.79 -0.60 -6.88
C PRO A 161 22.39 -0.85 -7.40
N ILE A 162 21.86 -2.02 -7.08
CA ILE A 162 20.53 -2.42 -7.53
C ILE A 162 19.52 -2.50 -6.39
N ILE A 163 18.37 -1.88 -6.61
CA ILE A 163 17.29 -1.94 -5.66
C ILE A 163 16.21 -2.73 -6.38
N ASN A 164 15.97 -3.96 -5.93
CA ASN A 164 14.92 -4.77 -6.55
C ASN A 164 13.57 -4.19 -6.17
N TRP A 165 12.68 -4.14 -7.15
CA TRP A 165 11.35 -3.57 -7.02
C TRP A 165 10.28 -4.66 -7.26
N TYR A 166 9.72 -5.18 -6.16
CA TYR A 166 8.71 -6.24 -6.24
C TYR A 166 7.33 -5.60 -6.30
N ILE A 167 6.64 -5.78 -7.44
CA ILE A 167 5.34 -5.15 -7.66
C ILE A 167 4.19 -6.14 -7.58
N MET A 168 3.32 -5.95 -6.59
CA MET A 168 2.17 -6.82 -6.41
C MET A 168 0.97 -6.25 -7.15
N THR A 169 0.53 -6.96 -8.18
CA THR A 169 -0.60 -6.51 -8.98
C THR A 169 -1.81 -7.39 -8.64
N SER A 170 -2.98 -6.99 -9.10
CA SER A 170 -4.15 -7.85 -8.90
C SER A 170 -4.03 -8.84 -10.07
N GLY A 171 -4.71 -9.98 -9.99
CA GLY A 171 -4.64 -10.95 -11.08
C GLY A 171 -5.03 -10.38 -12.45
N PRO A 172 -6.11 -9.60 -12.55
CA PRO A 172 -6.57 -9.01 -13.80
C PRO A 172 -5.66 -7.98 -14.46
N THR A 173 -4.81 -7.32 -13.68
CA THR A 173 -3.91 -6.31 -14.24
C THR A 173 -2.48 -6.76 -14.43
N ARG A 174 -2.19 -8.01 -14.08
CA ARG A 174 -0.83 -8.51 -14.22
C ARG A 174 -0.27 -8.38 -15.64
N ASN A 175 -1.03 -8.82 -16.63
CA ASN A 175 -0.53 -8.74 -18.00
C ASN A 175 -0.30 -7.32 -18.51
N ALA A 176 -1.26 -6.44 -18.28
CA ALA A 176 -1.18 -5.04 -18.71
C ALA A 176 -0.07 -4.30 -17.97
N THR A 177 0.15 -4.64 -16.71
CA THR A 177 1.22 -3.99 -15.95
C THR A 177 2.58 -4.39 -16.51
N GLU A 178 2.80 -5.68 -16.69
CA GLU A 178 4.09 -6.14 -17.21
C GLU A 178 4.29 -5.63 -18.65
N SER A 179 3.23 -5.62 -19.46
CA SER A 179 3.33 -5.12 -20.83
C SER A 179 3.74 -3.65 -20.86
N PHE A 180 3.17 -2.86 -19.95
CA PHE A 180 3.48 -1.44 -19.88
C PHE A 180 4.97 -1.25 -19.59
N PHE A 181 5.51 -2.03 -18.65
CA PHE A 181 6.94 -1.91 -18.33
C PHE A 181 7.82 -2.30 -19.53
N ILE A 182 7.46 -3.40 -20.19
CA ILE A 182 8.23 -3.87 -21.35
C ILE A 182 8.19 -2.87 -22.50
N GLU A 183 7.01 -2.35 -22.79
CA GLU A 183 6.85 -1.36 -23.86
C GLU A 183 7.72 -0.12 -23.60
N ASN A 184 8.00 0.16 -22.32
CA ASN A 184 8.80 1.34 -21.98
C ASN A 184 10.22 0.99 -21.55
N ASN A 185 10.63 -0.22 -21.88
CA ASN A 185 11.96 -0.72 -21.53
C ASN A 185 12.31 -0.49 -20.06
N TYR A 186 11.34 -0.78 -19.19
CA TYR A 186 11.48 -0.66 -17.75
C TYR A 186 11.89 0.72 -17.26
N PHE A 187 11.57 1.74 -18.06
CA PHE A 187 11.88 3.13 -17.74
C PHE A 187 13.35 3.36 -17.40
N GLY A 188 14.23 2.52 -17.93
CA GLY A 188 15.66 2.69 -17.66
C GLY A 188 16.23 1.78 -16.57
N LEU A 189 15.36 1.03 -15.90
CA LEU A 189 15.82 0.11 -14.87
C LEU A 189 16.25 -1.18 -15.56
N ASN A 190 16.94 -2.05 -14.84
N ASN A 190 16.94 -2.05 -14.84
CA ASN A 190 17.33 -3.35 -15.40
CA ASN A 190 17.36 -3.36 -15.39
C ASN A 190 16.07 -4.22 -15.42
C ASN A 190 16.09 -4.25 -15.40
N SER A 191 15.86 -4.96 -16.51
CA SER A 191 14.67 -5.82 -16.62
C SER A 191 14.55 -6.83 -15.49
N HIS A 192 15.67 -7.27 -14.95
CA HIS A 192 15.63 -8.23 -13.86
C HIS A 192 15.27 -7.65 -12.49
N GLN A 193 15.38 -6.33 -12.33
CA GLN A 193 15.07 -5.81 -11.00
C GLN A 193 13.60 -5.46 -10.78
N VAL A 194 12.74 -5.65 -11.79
CA VAL A 194 11.31 -5.38 -11.62
C VAL A 194 10.70 -6.77 -11.64
N ILE A 195 10.19 -7.18 -10.49
CA ILE A 195 9.63 -8.52 -10.31
C ILE A 195 8.16 -8.46 -9.95
N PHE A 196 7.34 -9.06 -10.80
CA PHE A 196 5.90 -9.03 -10.64
C PHE A 196 5.32 -10.25 -9.95
N PHE A 197 4.29 -10.05 -9.13
CA PHE A 197 3.61 -11.18 -8.48
C PHE A 197 2.17 -10.76 -8.18
N ASN A 198 1.25 -11.72 -8.25
CA ASN A 198 -0.16 -11.42 -8.04
C ASN A 198 -0.66 -11.60 -6.61
N GLN A 199 -1.55 -10.69 -6.21
CA GLN A 199 -2.21 -10.69 -4.91
C GLN A 199 -3.27 -11.82 -4.98
N GLY A 200 -3.63 -12.41 -3.85
CA GLY A 200 -4.64 -13.47 -3.86
C GLY A 200 -6.04 -12.89 -3.77
N THR A 201 -7.04 -13.77 -3.77
CA THR A 201 -8.43 -13.35 -3.67
C THR A 201 -9.17 -14.19 -2.61
N LEU A 202 -10.36 -13.74 -2.24
CA LEU A 202 -11.21 -14.48 -1.29
C LEU A 202 -12.63 -14.49 -1.84
N PRO A 203 -13.44 -15.52 -1.48
CA PRO A 203 -14.83 -15.59 -1.97
C PRO A 203 -15.61 -14.40 -1.41
N CYS A 204 -16.69 -14.01 -2.12
CA CYS A 204 -17.60 -12.97 -1.63
C CYS A 204 -18.78 -13.74 -1.02
N PHE A 205 -19.42 -13.14 -0.03
CA PHE A 205 -20.51 -13.78 0.71
C PHE A 205 -21.81 -12.99 0.71
N ASN A 206 -22.89 -13.62 1.18
CA ASN A 206 -24.15 -12.91 1.31
C ASN A 206 -24.02 -12.00 2.54
N LEU A 207 -25.02 -11.17 2.78
CA LEU A 207 -24.97 -10.24 3.90
C LEU A 207 -24.75 -10.87 5.27
N GLN A 208 -25.33 -12.04 5.54
CA GLN A 208 -25.13 -12.67 6.84
C GLN A 208 -23.77 -13.34 6.96
N GLY A 209 -23.13 -13.61 5.83
CA GLY A 209 -21.83 -14.24 5.86
C GLY A 209 -21.84 -15.75 6.00
N ASN A 210 -22.99 -16.38 5.81
CA ASN A 210 -23.06 -17.84 5.92
C ASN A 210 -23.01 -18.57 4.58
N LYS A 211 -23.19 -17.83 3.49
CA LYS A 211 -23.20 -18.42 2.15
C LYS A 211 -22.28 -17.73 1.15
N ILE A 212 -21.50 -18.53 0.41
CA ILE A 212 -20.64 -17.96 -0.63
C ILE A 212 -21.59 -17.66 -1.79
N LEU A 213 -21.37 -16.56 -2.50
CA LEU A 213 -22.22 -16.16 -3.61
C LEU A 213 -21.80 -16.69 -4.98
N LEU A 214 -22.77 -17.15 -5.76
CA LEU A 214 -22.49 -17.59 -7.12
C LEU A 214 -22.54 -16.34 -8.00
N GLU A 215 -21.54 -16.18 -8.85
CA GLU A 215 -21.50 -15.07 -9.78
C GLU A 215 -22.27 -15.54 -11.01
N LEU A 216 -21.92 -16.74 -11.48
CA LEU A 216 -22.55 -17.38 -12.63
C LEU A 216 -22.99 -18.76 -12.16
N LYS A 217 -23.72 -19.50 -12.99
CA LYS A 217 -24.17 -20.83 -12.58
C LYS A 217 -23.01 -21.79 -12.35
N ASN A 218 -21.84 -21.49 -12.92
CA ASN A 218 -20.67 -22.35 -12.69
C ASN A 218 -19.42 -21.59 -12.17
N SER A 219 -19.63 -20.53 -11.41
N SER A 219 -19.63 -20.55 -11.37
CA SER A 219 -18.51 -19.74 -10.87
CA SER A 219 -18.51 -19.80 -10.83
C SER A 219 -18.89 -18.87 -9.66
C SER A 219 -18.92 -18.95 -9.63
N ILE A 220 -18.04 -18.89 -8.63
CA ILE A 220 -18.32 -18.09 -7.44
C ILE A 220 -17.74 -16.68 -7.55
N CYS A 221 -18.34 -15.72 -6.84
CA CYS A 221 -17.81 -14.35 -6.83
C CYS A 221 -16.54 -14.36 -5.97
N GLN A 222 -15.50 -13.65 -6.42
CA GLN A 222 -14.23 -13.56 -5.66
C GLN A 222 -13.75 -12.12 -5.74
N SER A 223 -12.89 -11.72 -4.81
CA SER A 223 -12.37 -10.36 -4.78
C SER A 223 -11.00 -10.28 -4.15
N PRO A 224 -10.14 -9.32 -4.59
CA PRO A 224 -8.79 -9.14 -4.04
C PRO A 224 -8.90 -9.13 -2.52
N ASP A 225 -7.97 -9.78 -1.85
CA ASP A 225 -8.07 -9.92 -0.35
C ASP A 225 -7.53 -8.76 0.55
N GLY A 226 -7.51 -7.53 0.07
CA GLY A 226 -7.03 -6.41 0.89
C GLY A 226 -5.52 -6.26 0.87
N ASN A 227 -4.98 -5.08 1.18
CA ASN A 227 -3.52 -4.95 1.17
C ASN A 227 -2.83 -5.86 2.18
N GLY A 228 -3.56 -6.31 3.20
CA GLY A 228 -2.99 -7.23 4.17
C GLY A 228 -2.70 -8.60 3.54
N GLY A 229 -3.18 -8.80 2.31
CA GLY A 229 -2.95 -10.06 1.60
C GLY A 229 -1.51 -10.14 1.10
N LEU A 230 -0.79 -9.03 1.22
CA LEU A 230 0.61 -8.97 0.80
C LEU A 230 1.47 -10.09 1.42
N TYR A 231 1.32 -10.31 2.72
CA TYR A 231 2.16 -11.30 3.42
C TYR A 231 2.02 -12.70 2.84
N LYS A 232 0.80 -13.17 2.65
CA LYS A 232 0.60 -14.50 2.07
C LYS A 232 1.11 -14.55 0.62
N ALA A 233 0.92 -13.45 -0.12
CA ALA A 233 1.40 -13.39 -1.51
C ALA A 233 2.94 -13.49 -1.57
N LEU A 234 3.62 -12.89 -0.58
CA LEU A 234 5.09 -12.94 -0.50
C LEU A 234 5.53 -14.38 -0.27
N LYS A 235 4.85 -15.10 0.61
CA LYS A 235 5.20 -16.48 0.86
C LYS A 235 4.91 -17.37 -0.35
N ASP A 236 3.68 -17.31 -0.84
CA ASP A 236 3.24 -18.17 -1.94
C ASP A 236 3.84 -17.99 -3.32
N ASN A 237 4.33 -16.78 -3.59
CA ASN A 237 4.92 -16.46 -4.89
C ASN A 237 6.45 -16.47 -4.83
N GLY A 238 7.00 -17.01 -3.75
CA GLY A 238 8.44 -17.10 -3.60
C GLY A 238 9.17 -15.79 -3.44
N ILE A 239 8.48 -14.74 -3.01
CA ILE A 239 9.16 -13.44 -2.87
C ILE A 239 10.03 -13.42 -1.59
N LEU A 240 9.51 -13.95 -0.48
CA LEU A 240 10.32 -14.01 0.74
C LEU A 240 11.55 -14.87 0.47
N ASP A 241 11.37 -15.97 -0.27
CA ASP A 241 12.49 -16.85 -0.66
C ASP A 241 13.55 -16.01 -1.39
N ASP A 242 13.11 -15.20 -2.34
CA ASP A 242 14.03 -14.36 -3.10
C ASP A 242 14.77 -13.29 -2.26
N LEU A 243 14.11 -12.71 -1.25
CA LEU A 243 14.79 -11.73 -0.39
C LEU A 243 15.95 -12.45 0.29
N ASN A 244 15.73 -13.69 0.70
CA ASN A 244 16.80 -14.45 1.35
C ASN A 244 17.92 -14.80 0.37
N SER A 245 17.57 -15.33 -0.79
CA SER A 245 18.59 -15.70 -1.78
C SER A 245 19.41 -14.50 -2.26
N LYS A 246 18.80 -13.30 -2.23
CA LYS A 246 19.52 -12.09 -2.67
C LYS A 246 20.26 -11.37 -1.55
N GLY A 247 20.11 -11.85 -0.33
CA GLY A 247 20.78 -11.23 0.80
C GLY A 247 20.21 -9.89 1.20
N ILE A 248 18.92 -9.70 0.94
N ILE A 248 18.92 -9.69 0.94
CA ILE A 248 18.25 -8.44 1.29
CA ILE A 248 18.27 -8.43 1.27
C ILE A 248 18.01 -8.39 2.80
C ILE A 248 17.96 -8.37 2.78
N LYS A 249 18.20 -7.21 3.40
CA LYS A 249 17.98 -7.06 4.83
C LYS A 249 16.90 -6.04 5.21
N HIS A 250 16.63 -5.08 4.32
CA HIS A 250 15.69 -4.00 4.61
C HIS A 250 14.65 -3.84 3.52
N ILE A 251 13.38 -3.67 3.91
CA ILE A 251 12.28 -3.51 2.95
C ILE A 251 11.55 -2.18 3.13
N HIS A 252 11.31 -1.46 2.04
CA HIS A 252 10.51 -0.23 2.07
C HIS A 252 9.26 -0.62 1.32
N MET A 253 8.10 -0.43 1.94
N MET A 253 8.10 -0.43 1.95
CA MET A 253 6.83 -0.77 1.34
CA MET A 253 6.82 -0.78 1.33
C MET A 253 5.90 0.46 1.27
C MET A 253 5.89 0.44 1.27
N TYR A 254 5.25 0.65 0.12
CA TYR A 254 4.31 1.78 -0.03
C TYR A 254 3.26 1.46 -1.08
N CYS A 255 2.29 2.38 -1.26
N CYS A 255 2.31 2.37 -1.26
CA CYS A 255 1.20 2.21 -2.22
CA CYS A 255 1.24 2.19 -2.24
C CYS A 255 1.46 3.08 -3.45
C CYS A 255 1.52 3.06 -3.46
N VAL A 256 1.22 2.51 -4.63
CA VAL A 256 1.47 3.23 -5.87
C VAL A 256 0.77 4.57 -6.06
N ASP A 257 -0.31 4.80 -5.34
CA ASP A 257 -1.07 6.05 -5.55
C ASP A 257 -0.52 7.33 -4.96
N ASN A 258 0.58 7.27 -4.20
CA ASN A 258 1.17 8.47 -3.60
C ASN A 258 2.16 9.07 -4.64
N CYS A 259 1.72 10.11 -5.35
CA CYS A 259 2.56 10.71 -6.40
C CYS A 259 3.79 11.43 -5.90
N LEU A 260 3.90 11.65 -4.60
CA LEU A 260 5.08 12.33 -4.04
C LEU A 260 6.07 11.36 -3.33
N VAL A 261 5.75 10.08 -3.28
CA VAL A 261 6.57 9.13 -2.55
C VAL A 261 8.08 9.11 -2.77
N LYS A 262 8.83 9.18 -1.66
CA LYS A 262 10.28 9.07 -1.68
C LYS A 262 10.57 7.55 -1.68
N VAL A 263 10.73 6.95 -2.84
CA VAL A 263 10.97 5.50 -2.91
C VAL A 263 12.34 5.10 -2.31
N ALA A 264 12.34 4.10 -1.42
CA ALA A 264 13.57 3.63 -0.76
C ALA A 264 14.27 4.78 -0.05
N ASP A 265 13.49 5.66 0.57
CA ASP A 265 14.02 6.83 1.29
C ASP A 265 15.14 6.43 2.25
N PRO A 266 16.38 6.91 2.02
CA PRO A 266 17.51 6.57 2.89
C PRO A 266 17.39 7.06 4.33
N ILE A 267 16.68 8.17 4.54
CA ILE A 267 16.46 8.71 5.89
C ILE A 267 15.58 7.74 6.68
N PHE A 268 14.57 7.18 6.03
CA PHE A 268 13.63 6.26 6.70
C PHE A 268 14.36 4.93 7.00
N ILE A 269 15.08 4.41 6.03
CA ILE A 269 15.84 3.16 6.24
C ILE A 269 16.92 3.42 7.33
N GLY A 270 17.61 4.56 7.25
CA GLY A 270 18.65 4.88 8.26
C GLY A 270 18.11 4.99 9.68
N PHE A 271 16.91 5.56 9.82
CA PHE A 271 16.21 5.70 11.11
C PHE A 271 16.07 4.31 11.69
N ALA A 272 15.58 3.38 10.88
CA ALA A 272 15.38 1.99 11.32
C ALA A 272 16.69 1.31 11.68
N ILE A 273 17.73 1.54 10.88
CA ILE A 273 19.04 0.95 11.16
C ILE A 273 19.65 1.51 12.44
N ALA A 274 19.61 2.83 12.58
CA ALA A 274 20.16 3.49 13.76
C ALA A 274 19.47 3.05 15.06
N LYS A 275 18.15 2.87 15.02
CA LYS A 275 17.40 2.49 16.20
C LYS A 275 17.19 0.99 16.34
N LYS A 276 17.65 0.24 15.35
CA LYS A 276 17.50 -1.21 15.33
C LYS A 276 16.04 -1.63 15.41
N PHE A 277 15.16 -1.00 14.61
CA PHE A 277 13.75 -1.33 14.63
C PHE A 277 13.44 -2.56 13.78
N ASP A 278 12.41 -3.32 14.17
CA ASP A 278 11.97 -4.50 13.41
C ASP A 278 10.96 -4.01 12.37
N LEU A 279 10.22 -2.96 12.74
CA LEU A 279 9.17 -2.41 11.89
C LEU A 279 8.98 -0.91 12.18
N ALA A 280 8.78 -0.10 11.15
CA ALA A 280 8.57 1.32 11.37
C ALA A 280 7.56 1.81 10.34
N THR A 281 7.04 3.00 10.60
N THR A 281 7.05 3.01 10.56
CA THR A 281 6.02 3.61 9.75
CA THR A 281 6.05 3.56 9.67
C THR A 281 6.23 5.11 9.59
C THR A 281 6.21 5.07 9.60
N LYS A 282 5.68 5.67 8.53
CA LYS A 282 5.75 7.12 8.33
C LYS A 282 4.37 7.67 8.59
N VAL A 283 4.32 8.91 9.07
CA VAL A 283 3.06 9.57 9.33
C VAL A 283 3.23 11.06 8.98
N VAL A 284 2.11 11.76 8.84
CA VAL A 284 2.13 13.21 8.61
C VAL A 284 1.21 13.81 9.66
N ARG A 285 1.44 15.07 10.00
CA ARG A 285 0.61 15.70 11.01
C ARG A 285 -0.85 15.87 10.61
N LYS A 286 -1.74 15.42 11.48
CA LYS A 286 -3.17 15.61 11.26
C LYS A 286 -3.41 17.00 11.86
N ARG A 287 -3.83 17.96 11.05
CA ARG A 287 -4.08 19.32 11.57
C ARG A 287 -5.52 19.59 11.96
N ASP A 288 -6.46 19.01 11.22
CA ASP A 288 -7.88 19.21 11.53
C ASP A 288 -8.44 17.97 12.19
N ALA A 289 -8.89 18.11 13.44
CA ALA A 289 -9.46 17.01 14.20
C ALA A 289 -10.54 16.27 13.41
N ASN A 290 -11.00 16.91 12.33
CA ASN A 290 -12.04 16.33 11.48
C ASN A 290 -11.50 15.51 10.32
N GLU A 291 -10.21 15.64 10.01
N GLU A 291 -10.22 15.66 9.99
CA GLU A 291 -9.61 14.91 8.90
CA GLU A 291 -9.66 14.91 8.86
C GLU A 291 -9.93 13.41 9.00
C GLU A 291 -9.95 13.42 8.99
N SER A 292 -10.37 12.82 7.88
CA SER A 292 -10.70 11.40 7.85
C SER A 292 -9.48 10.58 7.46
N VAL A 293 -8.70 10.18 8.46
CA VAL A 293 -7.49 9.38 8.22
C VAL A 293 -7.16 8.48 9.41
N GLY A 294 -6.49 7.35 9.15
CA GLY A 294 -6.10 6.45 10.23
C GLY A 294 -5.01 7.06 11.11
N LEU A 295 -5.00 6.73 12.40
CA LEU A 295 -4.00 7.28 13.31
C LEU A 295 -3.18 6.19 13.97
N ILE A 296 -1.87 6.44 14.08
N ILE A 296 -1.88 6.43 14.09
CA ILE A 296 -0.98 5.50 14.73
CA ILE A 296 -1.00 5.47 14.72
C ILE A 296 -0.95 5.90 16.20
C ILE A 296 -0.90 5.88 16.19
N VAL A 297 -1.32 4.97 17.07
CA VAL A 297 -1.34 5.24 18.50
C VAL A 297 -0.81 4.09 19.33
N LEU A 298 -0.75 4.29 20.64
CA LEU A 298 -0.36 3.23 21.56
C LEU A 298 -1.67 2.73 22.14
N ASP A 299 -1.90 1.42 22.08
CA ASP A 299 -3.10 0.87 22.69
C ASP A 299 -2.67 0.66 24.14
N GLN A 300 -3.24 1.42 25.07
CA GLN A 300 -2.84 1.30 26.46
C GLN A 300 -3.21 0.00 27.13
N ASP A 301 -4.22 -0.68 26.61
CA ASP A 301 -4.62 -1.92 27.22
C ASP A 301 -3.59 -3.02 27.03
N ASN A 302 -3.01 -3.16 25.84
CA ASN A 302 -2.01 -4.19 25.65
C ASN A 302 -0.60 -3.61 25.50
N GLN A 303 -0.48 -2.29 25.63
CA GLN A 303 0.80 -1.58 25.52
C GLN A 303 1.54 -1.89 24.22
N LYS A 304 0.79 -1.92 23.12
CA LYS A 304 1.36 -2.21 21.80
C LYS A 304 0.95 -1.12 20.80
N PRO A 305 1.77 -0.88 19.75
CA PRO A 305 1.45 0.13 18.75
C PRO A 305 0.34 -0.40 17.83
N CYS A 306 -0.48 0.48 17.30
CA CYS A 306 -1.54 0.04 16.40
C CYS A 306 -2.11 1.20 15.62
N VAL A 307 -2.93 0.87 14.62
CA VAL A 307 -3.57 1.89 13.79
C VAL A 307 -5.08 1.88 14.05
N ILE A 308 -5.66 3.05 14.31
CA ILE A 308 -7.10 3.14 14.56
C ILE A 308 -7.73 4.09 13.55
N GLU A 309 -8.96 3.77 13.13
CA GLU A 309 -9.65 4.61 12.17
C GLU A 309 -10.37 5.73 12.90
N TYR A 310 -10.63 6.82 12.18
CA TYR A 310 -11.30 7.99 12.74
C TYR A 310 -12.54 7.62 13.57
N SER A 311 -13.25 6.58 13.14
CA SER A 311 -14.47 6.11 13.81
C SER A 311 -14.25 5.63 15.25
N GLU A 312 -13.16 4.90 15.48
CA GLU A 312 -12.84 4.36 16.79
C GLU A 312 -12.47 5.39 17.86
N ILE A 313 -12.47 6.67 17.50
CA ILE A 313 -12.13 7.73 18.45
C ILE A 313 -13.29 8.69 18.68
N SER A 314 -13.44 9.13 19.93
CA SER A 314 -14.50 10.06 20.31
C SER A 314 -14.14 11.45 19.80
N GLN A 315 -15.15 12.25 19.47
CA GLN A 315 -14.90 13.60 18.98
C GLN A 315 -14.02 14.32 20.01
N GLU A 316 -14.24 14.01 21.28
CA GLU A 316 -13.46 14.63 22.36
C GLU A 316 -11.98 14.33 22.25
N LEU A 317 -11.63 13.04 22.13
CA LEU A 317 -10.24 12.63 22.02
C LEU A 317 -9.64 13.13 20.70
N ALA A 318 -10.47 13.17 19.66
CA ALA A 318 -10.01 13.63 18.35
C ALA A 318 -9.69 15.12 18.45
N ASN A 319 -10.43 15.83 19.29
CA ASN A 319 -10.23 17.26 19.47
C ASN A 319 -9.26 17.59 20.59
N LYS A 320 -9.08 16.65 21.51
CA LYS A 320 -8.16 16.85 22.63
C LYS A 320 -6.84 17.40 22.14
N LYS A 321 -6.37 18.47 22.77
CA LYS A 321 -5.10 19.07 22.37
C LYS A 321 -3.96 18.45 23.18
N ASP A 322 -2.73 18.63 22.71
CA ASP A 322 -1.58 18.08 23.41
C ASP A 322 -1.28 18.94 24.63
N PRO A 323 -1.09 18.30 25.80
CA PRO A 323 -0.79 18.98 27.07
C PRO A 323 0.47 19.83 27.04
N GLN A 324 1.43 19.44 26.21
CA GLN A 324 2.70 20.17 26.12
C GLN A 324 2.77 21.17 24.99
N ASP A 325 1.64 21.40 24.32
CA ASP A 325 1.55 22.34 23.20
C ASP A 325 0.11 22.38 22.74
N SER A 326 -0.70 23.17 23.42
CA SER A 326 -2.14 23.29 23.14
C SER A 326 -2.53 23.55 21.68
N SER A 327 -1.58 23.93 20.83
CA SER A 327 -1.89 24.21 19.43
C SER A 327 -1.88 22.96 18.54
N LYS A 328 -1.37 21.85 19.05
CA LYS A 328 -1.32 20.59 18.29
C LYS A 328 -2.35 19.59 18.83
N LEU A 329 -2.85 18.70 17.98
CA LEU A 329 -3.79 17.71 18.46
C LEU A 329 -3.00 16.64 19.20
N PHE A 330 -3.65 16.02 20.19
CA PHE A 330 -3.00 14.99 20.98
C PHE A 330 -2.68 13.76 20.12
N LEU A 331 -3.66 13.32 19.33
CA LEU A 331 -3.47 12.18 18.42
C LEU A 331 -3.38 12.79 17.02
N ARG A 332 -2.17 12.94 16.51
CA ARG A 332 -1.99 13.57 15.22
C ARG A 332 -1.12 12.80 14.22
N ALA A 333 -0.81 11.54 14.53
CA ALA A 333 0.03 10.74 13.63
C ALA A 333 -0.77 10.08 12.52
N ALA A 334 -1.05 10.82 11.45
CA ALA A 334 -1.85 10.27 10.32
C ALA A 334 -1.07 9.26 9.48
N ASN A 335 -1.64 8.06 9.34
CA ASN A 335 -1.01 6.98 8.57
C ASN A 335 -0.95 7.22 7.06
N ILE A 336 0.25 7.21 6.46
CA ILE A 336 0.32 7.37 5.01
C ILE A 336 0.72 6.07 4.25
N VAL A 337 0.50 4.93 4.91
CA VAL A 337 0.77 3.62 4.31
C VAL A 337 2.16 3.56 3.70
N ASN A 338 3.17 3.71 4.55
CA ASN A 338 4.56 3.75 4.11
C ASN A 338 5.30 3.09 5.27
N HIS A 339 5.71 1.84 5.05
N HIS A 339 5.73 1.85 5.07
CA HIS A 339 6.38 1.03 6.09
CA HIS A 339 6.36 1.11 6.15
C HIS A 339 7.80 0.57 5.82
C HIS A 339 7.73 0.49 5.85
N TYR A 340 8.48 0.24 6.92
CA TYR A 340 9.82 -0.34 6.88
C TYR A 340 9.68 -1.70 7.60
N TYR A 341 10.31 -2.74 7.07
CA TYR A 341 10.35 -4.05 7.72
C TYR A 341 11.75 -4.61 7.58
N SER A 342 12.26 -5.27 8.61
CA SER A 342 13.56 -5.92 8.46
C SER A 342 13.23 -7.32 7.91
N VAL A 343 14.07 -7.85 7.03
CA VAL A 343 13.81 -9.18 6.48
C VAL A 343 13.88 -10.25 7.57
N GLU A 344 14.71 -10.03 8.57
CA GLU A 344 14.81 -10.98 9.69
C GLU A 344 13.43 -11.09 10.39
N PHE A 345 12.79 -9.95 10.60
CA PHE A 345 11.47 -9.92 11.25
C PHE A 345 10.46 -10.62 10.33
N LEU A 346 10.51 -10.35 9.03
CA LEU A 346 9.58 -11.00 8.09
C LEU A 346 9.73 -12.52 8.10
N ASN A 347 10.96 -13.01 8.12
CA ASN A 347 11.19 -14.47 8.14
C ASN A 347 10.54 -15.09 9.38
N LYS A 348 10.69 -14.40 10.50
CA LYS A 348 10.12 -14.89 11.74
C LYS A 348 8.60 -14.79 11.83
N MET A 349 8.03 -13.67 11.40
CA MET A 349 6.59 -13.45 11.59
C MET A 349 5.60 -13.81 10.47
N ILE A 350 6.01 -13.79 9.20
CA ILE A 350 5.04 -14.10 8.15
C ILE A 350 4.26 -15.42 8.36
N PRO A 351 4.94 -16.51 8.74
CA PRO A 351 4.20 -17.77 8.95
C PRO A 351 3.14 -17.63 10.06
N LYS A 352 3.44 -16.83 11.08
CA LYS A 352 2.51 -16.59 12.18
C LYS A 352 1.33 -15.74 11.71
N TRP A 353 1.62 -14.62 11.04
CA TRP A 353 0.59 -13.71 10.56
C TRP A 353 -0.45 -14.30 9.63
N ILE A 354 -0.01 -15.10 8.67
CA ILE A 354 -0.94 -15.67 7.70
C ILE A 354 -1.72 -16.89 8.19
N SER A 355 -1.46 -17.32 9.41
CA SER A 355 -2.14 -18.50 9.95
C SER A 355 -3.20 -18.23 10.99
N SER A 356 -3.50 -16.96 11.29
CA SER A 356 -4.50 -16.66 12.31
C SER A 356 -5.14 -15.26 12.25
N GLN A 357 -6.44 -15.20 12.57
CA GLN A 357 -7.20 -13.95 12.58
C GLN A 357 -6.70 -13.01 13.65
N LYS A 358 -5.87 -13.52 14.54
CA LYS A 358 -5.32 -12.71 15.62
C LYS A 358 -4.55 -11.52 15.06
N TYR A 359 -3.80 -11.76 13.99
CA TYR A 359 -2.95 -10.73 13.36
C TYR A 359 -3.56 -10.08 12.12
N LEU A 360 -4.34 -10.84 11.37
CA LEU A 360 -4.96 -10.33 10.15
C LEU A 360 -6.45 -10.65 10.12
N PRO A 361 -7.22 -9.97 10.97
CA PRO A 361 -8.68 -10.21 11.00
C PRO A 361 -9.35 -9.71 9.72
N PHE A 362 -10.44 -10.35 9.34
CA PHE A 362 -11.17 -9.93 8.16
C PHE A 362 -11.99 -8.66 8.49
N HIS A 363 -11.91 -7.69 7.59
CA HIS A 363 -12.67 -6.49 7.68
C HIS A 363 -13.77 -6.72 6.70
N ILE A 364 -14.99 -6.35 7.08
CA ILE A 364 -16.18 -6.57 6.25
C ILE A 364 -16.66 -5.33 5.51
N ALA A 365 -16.95 -5.48 4.22
CA ALA A 365 -17.46 -4.35 3.45
C ALA A 365 -18.74 -4.74 2.69
N LYS A 366 -19.84 -4.05 2.99
CA LYS A 366 -21.11 -4.30 2.32
C LYS A 366 -20.99 -3.69 0.94
N LYS A 367 -21.33 -4.47 -0.07
CA LYS A 367 -21.21 -4.03 -1.45
C LYS A 367 -22.38 -4.45 -2.33
N LYS A 368 -22.51 -3.76 -3.45
CA LYS A 368 -23.48 -4.09 -4.44
C LYS A 368 -22.71 -5.01 -5.35
N ILE A 369 -22.97 -6.31 -5.28
CA ILE A 369 -22.19 -7.28 -6.08
C ILE A 369 -22.93 -7.97 -7.23
N PRO A 370 -22.56 -7.63 -8.49
CA PRO A 370 -23.21 -8.26 -9.65
C PRO A 370 -23.01 -9.79 -9.50
N SER A 371 -24.10 -10.54 -9.57
CA SER A 371 -24.03 -11.98 -9.36
C SER A 371 -25.40 -12.57 -9.64
N LEU A 372 -25.56 -13.87 -9.36
CA LEU A 372 -26.84 -14.51 -9.58
C LEU A 372 -27.90 -14.09 -8.57
N ASN A 373 -29.08 -13.79 -9.09
CA ASN A 373 -30.21 -13.40 -8.26
C ASN A 373 -30.62 -14.65 -7.47
N LEU A 374 -30.73 -14.52 -6.16
CA LEU A 374 -31.06 -15.66 -5.33
C LEU A 374 -32.38 -16.36 -5.65
N GLU A 375 -33.21 -15.72 -6.47
CA GLU A 375 -34.49 -16.30 -6.84
C GLU A 375 -34.42 -17.05 -8.17
N ASN A 376 -34.38 -16.29 -9.27
CA ASN A 376 -34.35 -16.86 -10.62
C ASN A 376 -33.05 -17.53 -11.09
N GLY A 377 -31.93 -17.25 -10.43
CA GLY A 377 -30.67 -17.85 -10.86
C GLY A 377 -30.06 -17.15 -12.06
N GLU A 378 -30.54 -15.95 -12.35
CA GLU A 378 -30.03 -15.17 -13.47
C GLU A 378 -29.18 -14.01 -12.95
N PHE A 379 -28.09 -13.71 -13.65
CA PHE A 379 -27.16 -12.64 -13.30
C PHE A 379 -27.86 -11.29 -13.23
N TYR A 380 -27.37 -10.39 -12.37
CA TYR A 380 -27.96 -9.04 -12.24
C TYR A 380 -27.05 -8.09 -11.47
N LYS A 381 -27.26 -6.79 -11.69
CA LYS A 381 -26.49 -5.76 -11.00
C LYS A 381 -27.45 -5.16 -9.96
N PRO A 382 -27.18 -5.38 -8.66
CA PRO A 382 -28.03 -4.85 -7.60
C PRO A 382 -27.95 -3.33 -7.43
N THR A 383 -29.03 -2.75 -6.92
CA THR A 383 -29.08 -1.31 -6.67
C THR A 383 -28.79 -1.03 -5.19
N GLU A 384 -28.86 -2.07 -4.37
CA GLU A 384 -28.56 -1.96 -2.93
C GLU A 384 -27.62 -3.09 -2.53
N PRO A 385 -26.82 -2.88 -1.47
CA PRO A 385 -25.88 -3.91 -1.01
C PRO A 385 -26.53 -5.28 -0.94
N ASN A 386 -25.92 -6.28 -1.53
CA ASN A 386 -26.49 -7.61 -1.51
C ASN A 386 -25.48 -8.66 -1.06
N GLY A 387 -24.34 -8.21 -0.57
CA GLY A 387 -23.33 -9.14 -0.09
C GLY A 387 -22.18 -8.42 0.55
N ILE A 388 -21.15 -9.17 0.93
CA ILE A 388 -19.99 -8.56 1.56
C ILE A 388 -18.68 -9.03 0.95
N LYS A 389 -17.70 -8.15 0.96
CA LYS A 389 -16.36 -8.47 0.47
C LYS A 389 -15.42 -8.46 1.69
N LEU A 390 -14.43 -9.33 1.66
CA LEU A 390 -13.48 -9.46 2.75
C LEU A 390 -12.15 -8.75 2.44
N GLU A 391 -11.52 -8.19 3.46
CA GLU A 391 -10.23 -7.52 3.29
C GLU A 391 -9.41 -7.67 4.56
N GLN A 392 -8.11 -7.93 4.37
CA GLN A 392 -7.18 -7.99 5.50
C GLN A 392 -6.42 -6.68 5.34
N PHE A 393 -6.01 -6.09 6.45
CA PHE A 393 -5.30 -4.81 6.42
C PHE A 393 -3.84 -4.97 6.79
N ILE A 394 -2.98 -4.36 5.97
CA ILE A 394 -1.55 -4.45 6.13
C ILE A 394 -1.08 -4.08 7.55
N PHE A 395 -1.68 -3.05 8.14
CA PHE A 395 -1.27 -2.62 9.48
C PHE A 395 -1.77 -3.41 10.69
N ASP A 396 -2.62 -4.42 10.49
CA ASP A 396 -3.10 -5.15 11.66
C ASP A 396 -2.02 -5.99 12.34
N VAL A 397 -0.86 -6.13 11.69
CA VAL A 397 0.25 -6.90 12.28
C VAL A 397 1.07 -6.08 13.29
N PHE A 398 0.85 -4.76 13.32
CA PHE A 398 1.60 -3.89 14.21
C PHE A 398 1.63 -4.29 15.68
N PRO A 399 0.48 -4.74 16.24
CA PRO A 399 0.48 -5.13 17.65
C PRO A 399 1.39 -6.32 17.98
N SER A 400 1.79 -7.08 16.96
CA SER A 400 2.65 -8.23 17.21
C SER A 400 4.12 -7.84 17.39
N VAL A 401 4.47 -6.59 17.09
CA VAL A 401 5.86 -6.15 17.24
C VAL A 401 6.12 -5.82 18.70
N GLU A 402 7.36 -5.93 19.14
CA GLU A 402 7.65 -5.51 20.52
C GLU A 402 7.65 -3.98 20.46
N LEU A 403 7.01 -3.34 21.44
CA LEU A 403 6.92 -1.88 21.43
C LEU A 403 8.22 -1.16 21.21
N ASN A 404 9.29 -1.59 21.87
CA ASN A 404 10.56 -0.90 21.70
C ASN A 404 11.25 -1.21 20.39
N LYS A 405 10.65 -2.07 19.58
CA LYS A 405 11.21 -2.40 18.27
C LYS A 405 10.42 -1.75 17.13
N PHE A 406 9.47 -0.89 17.50
CA PHE A 406 8.59 -0.18 16.56
C PHE A 406 8.96 1.31 16.46
N GLY A 407 9.00 1.84 15.24
CA GLY A 407 9.34 3.24 15.05
C GLY A 407 8.28 3.99 14.26
N CYS A 408 8.14 5.28 14.51
CA CYS A 408 7.13 6.10 13.81
C CYS A 408 7.77 7.43 13.44
N LEU A 409 8.06 7.60 12.16
CA LEU A 409 8.70 8.82 11.66
C LEU A 409 7.71 9.80 11.05
N GLU A 410 7.60 10.98 11.64
CA GLU A 410 6.71 12.01 11.10
C GLU A 410 7.47 12.71 9.96
N VAL A 411 6.80 12.91 8.82
CA VAL A 411 7.42 13.58 7.69
C VAL A 411 6.57 14.78 7.25
N ASP A 412 7.10 15.58 6.33
CA ASP A 412 6.40 16.77 5.83
C ASP A 412 5.42 16.41 4.71
N ARG A 413 4.12 16.53 4.96
CA ARG A 413 3.11 16.19 3.95
C ARG A 413 3.35 16.80 2.55
N LEU A 414 3.72 18.08 2.51
CA LEU A 414 3.94 18.78 1.23
C LEU A 414 5.07 18.18 0.38
N ASP A 415 6.02 17.54 1.05
CA ASP A 415 7.15 16.92 0.37
C ASP A 415 6.98 15.42 0.17
N GLU A 416 6.10 14.81 0.94
CA GLU A 416 6.05 13.33 0.91
C GLU A 416 4.72 12.62 0.68
N PHE A 417 3.59 13.32 0.68
CA PHE A 417 2.32 12.60 0.53
C PHE A 417 1.21 13.35 -0.18
N SER A 418 0.78 12.82 -1.32
CA SER A 418 -0.35 13.39 -2.08
C SER A 418 -0.92 12.19 -2.84
N PRO A 419 -1.98 11.58 -2.30
CA PRO A 419 -2.59 10.40 -2.94
C PRO A 419 -3.59 10.62 -4.07
N LEU A 420 -3.57 9.74 -5.05
CA LEU A 420 -4.51 9.80 -6.18
C LEU A 420 -5.64 8.79 -5.85
N LYS A 421 -6.81 9.30 -5.46
CA LYS A 421 -7.94 8.45 -5.09
C LYS A 421 -9.28 8.63 -5.85
N ASN A 422 -9.57 9.87 -6.23
CA ASN A 422 -10.83 10.21 -6.88
C ASN A 422 -10.67 10.81 -8.28
N ALA A 423 -11.68 10.62 -9.13
CA ALA A 423 -11.65 11.19 -10.47
C ALA A 423 -11.70 12.72 -10.32
N ASP A 424 -11.22 13.41 -11.35
CA ASP A 424 -11.24 14.87 -11.33
C ASP A 424 -12.66 15.37 -11.06
N GLY A 425 -12.79 16.48 -10.34
CA GLY A 425 -14.10 17.00 -10.00
C GLY A 425 -14.29 17.07 -8.50
N ALA A 426 -13.70 16.12 -7.78
CA ALA A 426 -13.79 16.09 -6.31
C ALA A 426 -12.87 17.17 -5.72
N LYS A 427 -13.09 17.51 -4.45
N LYS A 427 -13.10 17.52 -4.46
CA LYS A 427 -12.25 18.50 -3.80
CA LYS A 427 -12.29 18.54 -3.80
C LYS A 427 -10.86 17.97 -3.53
C LYS A 427 -10.90 18.05 -3.41
N ASN A 428 -10.79 16.75 -3.01
N ASN A 428 -10.77 16.77 -3.11
CA ASN A 428 -9.53 16.14 -2.60
CA ASN A 428 -9.49 16.24 -2.69
C ASN A 428 -9.04 14.92 -3.36
C ASN A 428 -9.02 14.97 -3.39
N ASP A 429 -7.71 14.73 -3.31
CA ASP A 429 -7.07 13.54 -3.89
C ASP A 429 -7.44 13.17 -5.33
N THR A 430 -7.33 14.15 -6.24
CA THR A 430 -7.67 13.98 -7.65
C THR A 430 -6.41 14.13 -8.50
N PRO A 431 -6.52 13.92 -9.82
CA PRO A 431 -5.32 14.09 -10.64
C PRO A 431 -4.87 15.53 -10.47
N THR A 432 -5.84 16.45 -10.35
CA THR A 432 -5.51 17.87 -10.21
C THR A 432 -4.77 18.25 -8.92
N THR A 433 -5.21 17.73 -7.78
CA THR A 433 -4.53 18.05 -6.53
C THR A 433 -3.14 17.38 -6.56
N CYS A 434 -3.05 16.16 -7.09
CA CYS A 434 -1.74 15.50 -7.16
C CYS A 434 -0.79 16.32 -8.02
N ARG A 435 -1.27 16.73 -9.20
CA ARG A 435 -0.44 17.54 -10.10
C ARG A 435 -0.01 18.85 -9.46
N ASN A 436 -0.94 19.55 -8.81
CA ASN A 436 -0.60 20.81 -8.19
C ASN A 436 0.37 20.64 -7.01
N HIS A 437 0.20 19.58 -6.21
CA HIS A 437 1.11 19.38 -5.09
C HIS A 437 2.50 19.00 -5.60
N TYR A 438 2.55 18.23 -6.68
CA TYR A 438 3.83 17.79 -7.23
C TYR A 438 4.61 19.01 -7.78
N LEU A 439 3.91 19.85 -8.55
CA LEU A 439 4.53 21.06 -9.12
C LEU A 439 4.87 22.10 -8.06
N GLU A 440 4.04 22.21 -7.02
CA GLU A 440 4.31 23.17 -5.94
C GLU A 440 5.54 22.73 -5.14
N ARG A 441 5.71 21.41 -4.97
CA ARG A 441 6.90 20.92 -4.27
C ARG A 441 8.15 21.24 -5.13
N SER A 442 8.07 20.94 -6.42
CA SER A 442 9.19 21.22 -7.34
C SER A 442 9.53 22.71 -7.32
N SER A 443 8.50 23.57 -7.40
CA SER A 443 8.73 25.01 -7.42
C SER A 443 9.33 25.51 -6.12
N LYS A 444 8.85 25.00 -4.99
CA LYS A 444 9.39 25.35 -3.68
C LYS A 444 10.88 25.02 -3.63
N TRP A 445 11.27 23.83 -4.10
CA TRP A 445 12.67 23.43 -4.10
C TRP A 445 13.49 24.43 -4.93
N VAL A 446 12.98 24.81 -6.10
CA VAL A 446 13.69 25.75 -6.94
C VAL A 446 13.85 27.12 -6.28
N ILE A 447 12.78 27.64 -5.70
CA ILE A 447 12.84 28.94 -5.03
C ILE A 447 13.76 28.89 -3.79
N GLN A 448 13.82 27.75 -3.11
CA GLN A 448 14.69 27.61 -1.93
C GLN A 448 16.15 27.67 -2.34
N ASN A 449 16.41 27.36 -3.60
CA ASN A 449 17.79 27.37 -4.11
C ASN A 449 18.13 28.62 -4.90
N GLY A 450 17.29 29.65 -4.76
CA GLY A 450 17.53 30.91 -5.44
C GLY A 450 16.94 31.10 -6.83
N GLY A 451 16.17 30.14 -7.31
CA GLY A 451 15.57 30.28 -8.63
C GLY A 451 14.32 31.14 -8.56
N VAL A 452 13.89 31.66 -9.71
CA VAL A 452 12.69 32.49 -9.79
C VAL A 452 11.75 32.00 -10.88
N ILE A 453 10.46 31.92 -10.59
CA ILE A 453 9.48 31.47 -11.57
C ILE A 453 8.51 32.59 -11.96
N ASP A 454 8.55 33.00 -13.23
CA ASP A 454 7.72 34.10 -13.75
C ASP A 454 6.25 33.78 -14.03
N ASN A 455 5.49 34.84 -14.26
CA ASN A 455 4.07 34.75 -14.62
C ASN A 455 3.13 33.95 -13.75
N GLN A 456 3.44 33.89 -12.45
N GLN A 456 3.35 33.90 -12.44
CA GLN A 456 2.68 33.17 -11.45
CA GLN A 456 2.46 33.14 -11.58
C GLN A 456 2.63 31.66 -11.74
C GLN A 456 2.46 31.67 -11.98
N GLY A 457 3.57 31.20 -12.56
CA GLY A 457 3.63 29.80 -12.96
C GLY A 457 4.26 28.80 -12.00
N LEU A 458 4.35 27.56 -12.47
CA LEU A 458 4.94 26.46 -11.69
C LEU A 458 5.88 25.67 -12.61
N VAL A 459 6.89 25.02 -12.02
CA VAL A 459 7.83 24.22 -12.80
C VAL A 459 7.83 22.77 -12.31
N GLU A 460 8.49 21.89 -13.06
CA GLU A 460 8.59 20.47 -12.68
C GLU A 460 10.07 20.10 -12.54
N VAL A 461 10.45 19.41 -11.47
CA VAL A 461 11.83 18.96 -11.33
C VAL A 461 11.89 17.45 -11.66
N ASP A 462 12.78 17.10 -12.58
CA ASP A 462 12.97 15.72 -13.05
C ASP A 462 13.77 14.99 -11.97
N SER A 463 13.42 13.75 -11.66
CA SER A 463 14.18 13.03 -10.65
C SER A 463 15.63 12.82 -11.02
N LYS A 464 15.96 12.82 -12.30
CA LYS A 464 17.36 12.65 -12.64
C LYS A 464 18.17 13.87 -12.19
N THR A 465 17.48 15.01 -12.00
CA THR A 465 18.12 16.23 -11.54
C THR A 465 18.15 16.27 -10.00
N SER A 466 17.03 15.89 -9.38
CA SER A 466 16.94 15.93 -7.91
C SER A 466 15.94 14.91 -7.38
N TYR A 467 16.39 14.11 -6.41
CA TYR A 467 15.55 13.08 -5.79
C TYR A 467 14.55 13.74 -4.83
N GLY A 468 15.07 14.61 -3.96
CA GLY A 468 14.19 15.24 -2.98
C GLY A 468 14.58 16.67 -2.62
N GLY A 469 15.20 17.37 -3.55
CA GLY A 469 15.57 18.74 -3.28
C GLY A 469 17.05 19.01 -3.24
N GLU A 470 17.88 17.95 -3.25
CA GLU A 470 19.33 18.15 -3.22
C GLU A 470 19.85 18.42 -4.63
N GLY A 471 21.06 18.98 -4.73
CA GLY A 471 21.69 19.25 -6.02
C GLY A 471 21.14 20.35 -6.91
N LEU A 472 20.29 21.22 -6.35
CA LEU A 472 19.70 22.28 -7.17
C LEU A 472 20.39 23.64 -7.04
N GLU A 473 21.57 23.65 -6.42
CA GLU A 473 22.30 24.91 -6.25
C GLU A 473 22.46 25.67 -7.55
N PHE A 474 22.59 24.93 -8.66
CA PHE A 474 22.77 25.57 -9.95
C PHE A 474 21.64 26.45 -10.47
N VAL A 475 20.45 26.43 -9.86
CA VAL A 475 19.35 27.27 -10.36
C VAL A 475 19.41 28.70 -9.79
N ASN A 476 20.33 28.95 -8.87
CA ASN A 476 20.48 30.26 -8.24
C ASN A 476 20.51 31.41 -9.25
N GLY A 477 19.57 32.34 -9.10
CA GLY A 477 19.51 33.48 -9.99
C GLY A 477 18.83 33.27 -11.32
N LYS A 478 18.59 32.02 -11.70
CA LYS A 478 17.97 31.70 -12.98
C LYS A 478 16.44 31.90 -12.96
N HIS A 479 15.89 32.36 -14.08
CA HIS A 479 14.45 32.57 -14.19
C HIS A 479 13.84 31.46 -15.04
N PHE A 480 12.68 30.98 -14.63
CA PHE A 480 12.01 29.90 -15.36
C PHE A 480 10.59 30.29 -15.79
N LYS A 481 10.07 29.63 -16.81
CA LYS A 481 8.71 29.92 -17.25
C LYS A 481 7.78 28.79 -16.81
N ASN A 482 6.47 29.06 -16.84
CA ASN A 482 5.48 28.07 -16.45
C ASN A 482 5.62 26.84 -17.32
N GLY A 483 5.64 25.67 -16.67
CA GLY A 483 5.75 24.43 -17.42
C GLY A 483 7.17 23.95 -17.68
N ASP A 484 8.17 24.77 -17.37
CA ASP A 484 9.57 24.36 -17.58
C ASP A 484 9.90 23.09 -16.78
N ILE A 485 10.69 22.20 -17.36
CA ILE A 485 11.12 20.99 -16.66
C ILE A 485 12.61 21.18 -16.35
N ILE A 486 12.97 21.00 -15.09
CA ILE A 486 14.34 21.19 -14.63
C ILE A 486 15.01 19.85 -14.22
#